data_8VQ3
#
_entry.id   8VQ3
#
_cell.length_a   101.388
_cell.length_b   101.388
_cell.length_c   151.613
_cell.angle_alpha   90.000
_cell.angle_beta   90.000
_cell.angle_gamma   90.000
#
_symmetry.space_group_name_H-M   'P 41 21 2'
#
loop_
_entity.id
_entity.type
_entity.pdbx_description
1 polymer 'Cyclin-dependent kinase 2'
2 polymer 'G1/S-specific cyclin-E1'
3 non-polymer (8R)-N-[(2S,3R)-3-(cyclohexylmethoxy)-1-(morpholin-4-yl)-1-oxobutan-2-yl]-2-[(1S)-2,2-dimethylcyclopropane-1-carbonyl]-6-(1,3-thiazole-5-carbonyl)-2,6-diazaspiro[3.4]octane-8-carboxamide
4 water water
#
loop_
_entity_poly.entity_id
_entity_poly.type
_entity_poly.pdbx_seq_one_letter_code
_entity_poly.pdbx_strand_id
1 'polypeptide(L)'
;MENFQKVEKIGEGTYGVVYKARNKLTGEVVALKKIRLDTETEGVPSTAIREISLLKELNHPNIVKLLDVIHTENKLYLVF
EFLHQDLKKFMDASALTGIPLPLIKSYLFQLLQGLAFCHSHRVLHRDLKPQNLLINTEGAIKLADFGLARAFGVPVRTY
(TPO)HEVVTLWYRAPEILLGCKYYSTAVDIWSLGCIFAEMVTRRALFPGDSEIDQLFRIFRTLGTPDEVVWPGVTSMPD
YKPSFPKWARQDFSKVVPPLDEDGRSLLSQMLHYDPNKRISAKAALAHPFFQDVTKPVPHLRL
;
A
2 'polypeptide(L)'
;GSIIAPSRGSPLPVLSWANREEVWKIMLNKEKTYLRDQHFLEQHPLLQPKMRAILLDWLMEVCEVYKLHRETFYLAQDFF
DRYMATQENVVKTLLQLIGISSLFIAAKLEEIYPPKLHQFAYVTDGACSGDEILTMELMIMKALKWRLSPLTIVSWLNVY
MQVAYLNDLHEVLLPQYPQQIFIQIAELLDLCVLDVDCLEFPYGILAASALYHFSSSELMQKVSGYQWCDIENCVKWMVP
FAMVIRETGSSKLKHFRGVADEDAHNIQTHRDSLDLLDKARAKKA
;
B
#
loop_
_chem_comp.id
_chem_comp.type
_chem_comp.name
_chem_comp.formula
A1AC4 non-polymer (8R)-N-[(2S,3R)-3-(cyclohexylmethoxy)-1-(morpholin-4-yl)-1-oxobutan-2-yl]-2-[(1S)-2,2-dimethylcyclopropane-1-carbonyl]-6-(1,3-thiazole-5-carbonyl)-2,6-diazaspiro[3.4]octane-8-carboxamide 'C32 H47 N5 O6 S'
#
# COMPACT_ATOMS: atom_id res chain seq x y z
N MET A 1 -21.59 20.35 -1.41
CA MET A 1 -20.82 21.15 -0.43
C MET A 1 -21.54 22.37 0.12
N GLU A 2 -22.83 22.50 -0.17
CA GLU A 2 -23.58 23.65 0.31
C GLU A 2 -24.02 23.54 1.76
N ASN A 3 -23.95 22.35 2.37
CA ASN A 3 -24.34 22.24 3.76
C ASN A 3 -23.17 22.37 4.73
N PHE A 4 -22.01 22.79 4.23
CA PHE A 4 -20.83 22.96 5.07
C PHE A 4 -20.49 24.43 5.14
N GLN A 5 -20.17 24.90 6.35
CA GLN A 5 -19.81 26.29 6.61
C GLN A 5 -18.34 26.31 7.03
N LYS A 6 -17.48 26.92 6.22
CA LYS A 6 -16.07 26.98 6.58
C LYS A 6 -15.91 27.88 7.81
N VAL A 7 -15.18 27.38 8.80
CA VAL A 7 -15.00 28.07 10.08
C VAL A 7 -13.59 28.59 10.27
N GLU A 8 -12.57 27.86 9.82
CA GLU A 8 -11.20 28.33 10.04
C GLU A 8 -10.24 27.53 9.17
N LYS A 9 -9.17 28.18 8.69
CA LYS A 9 -8.14 27.48 7.91
C LYS A 9 -7.20 26.82 8.91
N ILE A 10 -6.98 25.52 8.77
CA ILE A 10 -6.12 24.79 9.72
C ILE A 10 -4.91 24.15 9.04
N GLY A 11 -4.75 24.34 7.73
CA GLY A 11 -3.59 23.75 7.10
C GLY A 11 -3.55 24.02 5.61
N GLU A 12 -2.41 23.66 5.03
CA GLU A 12 -2.20 23.86 3.61
C GLU A 12 -1.08 22.93 3.16
N GLY A 13 -1.34 22.18 2.08
CA GLY A 13 -0.36 21.27 1.53
C GLY A 13 -0.14 21.55 0.05
N THR A 14 0.69 20.71 -0.56
CA THR A 14 0.97 20.88 -1.99
C THR A 14 -0.30 20.82 -2.80
N TYR A 15 -1.20 19.89 -2.43
CA TYR A 15 -2.41 19.65 -3.18
C TYR A 15 -3.66 20.37 -2.68
N GLY A 16 -3.62 21.08 -1.56
CA GLY A 16 -4.83 21.79 -1.16
C GLY A 16 -4.74 22.43 0.21
N VAL A 17 -5.80 23.17 0.53
CA VAL A 17 -5.93 23.84 1.82
C VAL A 17 -6.86 22.99 2.66
N VAL A 18 -6.66 23.02 3.97
CA VAL A 18 -7.47 22.25 4.91
C VAL A 18 -8.22 23.25 5.78
N TYR A 19 -9.52 23.06 5.89
CA TYR A 19 -10.40 23.91 6.67
C TYR A 19 -11.17 23.16 7.73
N LYS A 20 -11.44 23.85 8.84
CA LYS A 20 -12.31 23.30 9.86
C LYS A 20 -13.66 23.76 9.34
N ALA A 21 -14.65 22.88 9.32
CA ALA A 21 -15.95 23.29 8.78
C ALA A 21 -17.05 22.68 9.62
N ARG A 22 -18.19 23.36 9.67
CA ARG A 22 -19.33 22.88 10.46
C ARG A 22 -20.52 22.56 9.59
N ASN A 23 -21.17 21.45 9.91
CA ASN A 23 -22.37 21.08 9.19
C ASN A 23 -23.49 21.94 9.76
N LYS A 24 -24.04 22.82 8.92
CA LYS A 24 -25.06 23.76 9.38
C LYS A 24 -26.30 23.06 10.00
N LEU A 25 -26.75 21.96 9.39
CA LEU A 25 -27.96 21.33 9.95
C LEU A 25 -27.67 20.41 11.14
N THR A 26 -26.56 19.66 11.11
CA THR A 26 -26.30 18.77 12.23
C THR A 26 -25.38 19.36 13.29
N GLY A 27 -24.54 20.33 12.95
CA GLY A 27 -23.62 20.88 13.92
C GLY A 27 -22.34 20.09 14.04
N GLU A 28 -22.19 18.99 13.29
CA GLU A 28 -20.95 18.21 13.37
C GLU A 28 -19.82 19.00 12.72
N VAL A 29 -18.62 18.80 13.23
CA VAL A 29 -17.43 19.47 12.73
C VAL A 29 -16.58 18.48 11.95
N VAL A 30 -16.02 18.92 10.83
CA VAL A 30 -15.20 18.08 9.98
C VAL A 30 -13.99 18.88 9.55
N ALA A 31 -13.01 18.17 8.98
CA ALA A 31 -11.81 18.73 8.40
C ALA A 31 -11.98 18.56 6.89
N LEU A 32 -11.98 19.66 6.15
CA LEU A 32 -12.16 19.63 4.71
C LEU A 32 -10.85 19.89 4.00
N LYS A 33 -10.51 19.03 3.08
CA LYS A 33 -9.32 19.23 2.27
C LYS A 33 -9.84 19.56 0.88
N LYS A 34 -9.54 20.75 0.39
CA LYS A 34 -10.04 21.22 -0.91
C LYS A 34 -8.98 21.12 -1.98
N ILE A 35 -9.21 20.28 -2.99
CA ILE A 35 -8.28 20.16 -4.11
C ILE A 35 -8.89 20.94 -5.28
N ARG A 36 -8.17 21.93 -5.80
CA ARG A 36 -8.67 22.72 -6.91
C ARG A 36 -8.25 22.00 -8.18
N LEU A 37 -9.19 21.27 -8.78
CA LEU A 37 -8.83 20.49 -9.96
C LEU A 37 -8.42 21.35 -11.15
N ASP A 38 -8.76 22.64 -11.15
CA ASP A 38 -8.39 23.50 -12.26
C ASP A 38 -6.89 23.66 -12.36
N THR A 39 -6.18 23.69 -11.24
CA THR A 39 -4.73 23.88 -11.25
C THR A 39 -3.96 22.56 -11.28
N GLU A 40 -4.63 21.43 -11.42
CA GLU A 40 -3.97 20.13 -11.42
C GLU A 40 -3.76 19.64 -12.84
N THR A 41 -2.49 19.62 -13.26
CA THR A 41 -2.15 19.17 -14.60
C THR A 41 -2.38 17.69 -14.80
N GLU A 42 -2.24 16.88 -13.76
CA GLU A 42 -2.37 15.44 -13.91
C GLU A 42 -3.68 14.88 -13.34
N GLY A 43 -4.72 15.69 -13.28
CA GLY A 43 -5.98 15.18 -12.75
C GLY A 43 -5.90 15.05 -11.24
N VAL A 44 -6.72 14.14 -10.70
CA VAL A 44 -6.66 14.00 -9.24
C VAL A 44 -5.25 13.58 -8.85
N PRO A 45 -4.59 14.29 -7.93
CA PRO A 45 -3.19 13.97 -7.61
C PRO A 45 -3.04 12.53 -7.16
N SER A 46 -1.95 11.91 -7.62
CA SER A 46 -1.73 10.50 -7.32
C SER A 46 -1.75 10.27 -5.83
N THR A 47 -1.19 11.21 -5.07
CA THR A 47 -1.18 11.04 -3.64
C THR A 47 -2.59 11.09 -3.04
N ALA A 48 -3.50 11.87 -3.65
CA ALA A 48 -4.86 11.96 -3.14
C ALA A 48 -5.62 10.67 -3.43
N ILE A 49 -5.48 10.13 -4.64
CA ILE A 49 -6.13 8.87 -5.01
C ILE A 49 -5.70 7.76 -4.07
N ARG A 50 -4.38 7.63 -3.88
CA ARG A 50 -3.87 6.57 -3.02
C ARG A 50 -4.38 6.69 -1.60
N GLU A 51 -4.39 7.90 -1.04
CA GLU A 51 -4.85 8.11 0.33
C GLU A 51 -6.34 7.82 0.45
N ILE A 52 -7.15 8.26 -0.50
CA ILE A 52 -8.58 7.99 -0.41
C ILE A 52 -8.83 6.49 -0.39
N SER A 53 -8.19 5.77 -1.32
CA SER A 53 -8.42 4.34 -1.41
C SER A 53 -7.96 3.63 -0.14
N LEU A 54 -6.76 3.97 0.35
CA LEU A 54 -6.24 3.34 1.56
C LEU A 54 -7.15 3.58 2.75
N LEU A 55 -7.62 4.81 2.92
CA LEU A 55 -8.44 5.10 4.09
C LEU A 55 -9.79 4.40 4.00
N LYS A 56 -10.28 4.12 2.79
CA LYS A 56 -11.54 3.37 2.71
C LYS A 56 -11.33 1.93 3.12
N GLU A 57 -10.13 1.42 2.98
CA GLU A 57 -9.84 0.04 3.38
C GLU A 57 -9.48 -0.04 4.85
N LEU A 58 -8.81 0.98 5.37
CA LEU A 58 -8.32 1.02 6.74
C LEU A 58 -9.32 1.65 7.68
N ASN A 59 -10.23 0.86 8.22
CA ASN A 59 -11.16 1.38 9.20
C ASN A 59 -10.74 0.83 10.54
N HIS A 60 -10.35 1.72 11.44
CA HIS A 60 -9.87 1.33 12.75
C HIS A 60 -10.03 2.51 13.69
N PRO A 61 -10.35 2.28 14.97
CA PRO A 61 -10.56 3.41 15.89
C PRO A 61 -9.34 4.31 16.07
N ASN A 62 -8.14 3.84 15.76
CA ASN A 62 -6.93 4.65 15.92
C ASN A 62 -6.38 5.14 14.60
N ILE A 63 -7.23 5.20 13.58
CA ILE A 63 -6.87 5.69 12.27
C ILE A 63 -7.91 6.73 11.89
N VAL A 64 -7.46 7.93 11.54
CA VAL A 64 -8.37 9.01 11.19
C VAL A 64 -9.36 8.53 10.15
N LYS A 65 -10.63 8.89 10.31
CA LYS A 65 -11.63 8.44 9.36
C LYS A 65 -11.83 9.42 8.22
N LEU A 66 -11.99 8.87 7.02
CA LEU A 66 -12.33 9.65 5.84
C LEU A 66 -13.85 9.49 5.77
N LEU A 67 -14.59 10.59 5.97
CA LEU A 67 -16.04 10.52 6.01
C LEU A 67 -16.68 10.57 4.63
N ASP A 68 -16.08 11.26 3.68
CA ASP A 68 -16.70 11.40 2.36
C ASP A 68 -15.71 12.03 1.38
N VAL A 69 -16.06 11.93 0.10
CA VAL A 69 -15.30 12.51 -1.00
C VAL A 69 -16.34 13.18 -1.89
N ILE A 70 -16.26 14.50 -2.01
CA ILE A 70 -17.33 15.23 -2.75
C ILE A 70 -16.73 15.96 -3.94
N HIS A 71 -17.21 15.62 -5.13
CA HIS A 71 -16.74 16.29 -6.37
C HIS A 71 -17.76 17.36 -6.71
N THR A 72 -17.40 18.60 -6.47
CA THR A 72 -18.26 19.73 -6.87
C THR A 72 -17.77 20.14 -8.25
N GLU A 73 -18.08 21.36 -8.66
CA GLU A 73 -17.53 21.80 -9.94
C GLU A 73 -16.04 22.09 -9.79
N ASN A 74 -15.20 21.41 -10.56
CA ASN A 74 -13.77 21.81 -10.57
C ASN A 74 -13.05 21.58 -9.23
N LYS A 75 -13.76 21.08 -8.21
CA LYS A 75 -13.11 20.94 -6.89
C LYS A 75 -13.37 19.55 -6.31
N LEU A 76 -12.34 18.98 -5.69
CA LEU A 76 -12.55 17.70 -5.00
C LEU A 76 -12.34 17.93 -3.50
N TYR A 77 -13.36 17.61 -2.73
CA TYR A 77 -13.30 17.83 -1.28
C TYR A 77 -13.12 16.50 -0.56
N LEU A 78 -12.13 16.42 0.31
CA LEU A 78 -11.92 15.25 1.13
C LEU A 78 -12.43 15.67 2.51
N VAL A 79 -13.43 14.95 3.00
CA VAL A 79 -14.09 15.24 4.26
C VAL A 79 -13.61 14.25 5.31
N PHE A 80 -12.80 14.74 6.23
CA PHE A 80 -12.25 13.95 7.31
C PHE A 80 -12.93 14.31 8.61
N GLU A 81 -12.90 13.35 9.54
CA GLU A 81 -13.39 13.61 10.89
C GLU A 81 -12.43 14.63 11.52
N PHE A 82 -12.97 15.48 12.40
CA PHE A 82 -12.18 16.55 13.03
C PHE A 82 -11.70 16.16 14.41
N LEU A 83 -10.43 16.42 14.70
CA LEU A 83 -9.83 16.20 16.02
C LEU A 83 -9.22 17.55 16.35
N HIS A 84 -9.37 18.00 17.60
CA HIS A 84 -8.98 19.39 17.96
C HIS A 84 -7.48 19.67 17.93
N GLN A 85 -6.64 18.67 18.11
CA GLN A 85 -5.21 18.99 18.23
C GLN A 85 -4.34 17.86 17.73
N ASP A 86 -3.13 18.22 17.27
CA ASP A 86 -2.17 17.22 16.88
C ASP A 86 -1.28 16.99 18.11
N LEU A 87 -0.52 15.90 18.10
CA LEU A 87 0.32 15.58 19.25
C LEU A 87 1.43 16.61 19.43
N LYS A 88 1.87 17.28 18.37
CA LYS A 88 2.93 18.25 18.58
C LYS A 88 2.45 19.43 19.43
N LYS A 89 1.26 19.95 19.13
CA LYS A 89 0.75 21.07 19.91
C LYS A 89 0.41 20.64 21.32
N PHE A 90 0.01 19.38 21.50
CA PHE A 90 -0.31 18.92 22.85
C PHE A 90 0.95 18.81 23.68
N MET A 91 2.03 18.26 23.10
CA MET A 91 3.28 18.15 23.83
C MET A 91 3.87 19.52 24.13
N ASP A 92 3.76 20.47 23.20
CA ASP A 92 4.27 21.81 23.47
C ASP A 92 3.48 22.46 24.59
N ALA A 93 2.16 22.30 24.57
CA ALA A 93 1.32 22.85 25.61
C ALA A 93 1.61 22.21 26.96
N SER A 94 2.17 20.98 26.97
CA SER A 94 2.48 20.26 28.20
C SER A 94 3.96 20.28 28.55
N ALA A 95 4.75 21.14 27.89
CA ALA A 95 6.19 21.16 28.17
C ALA A 95 6.50 21.55 29.61
N LEU A 96 5.74 22.49 30.18
CA LEU A 96 6.04 22.91 31.55
C LEU A 96 5.61 21.86 32.56
N THR A 97 4.36 21.43 32.49
CA THR A 97 3.83 20.46 33.45
C THR A 97 4.22 19.01 33.15
N GLY A 98 4.40 18.66 31.88
CA GLY A 98 4.70 17.29 31.53
C GLY A 98 3.42 16.51 31.32
N ILE A 99 3.52 15.46 30.53
CA ILE A 99 2.33 14.65 30.26
C ILE A 99 2.28 13.53 31.29
N PRO A 100 1.15 13.30 31.94
CA PRO A 100 1.08 12.20 32.93
C PRO A 100 1.45 10.89 32.28
N LEU A 101 2.33 10.11 32.95
CA LEU A 101 2.79 8.83 32.43
C LEU A 101 1.64 7.90 32.05
N PRO A 102 0.50 7.89 32.76
CA PRO A 102 -0.59 7.01 32.31
C PRO A 102 -1.17 7.47 30.99
N LEU A 103 -1.15 8.77 30.69
CA LEU A 103 -1.64 9.20 29.39
C LEU A 103 -0.61 8.89 28.32
N ILE A 104 0.68 8.95 28.66
CA ILE A 104 1.72 8.60 27.70
C ILE A 104 1.56 7.13 27.30
N LYS A 105 1.43 6.27 28.32
CA LYS A 105 1.25 4.85 28.08
C LYS A 105 0.01 4.59 27.23
N SER A 106 -1.12 5.24 27.56
CA SER A 106 -2.33 5.00 26.81
C SER A 106 -2.20 5.49 25.36
N TYR A 107 -1.52 6.62 25.16
CA TYR A 107 -1.36 7.14 23.79
C TYR A 107 -0.51 6.19 22.97
N LEU A 108 0.65 5.77 23.50
CA LEU A 108 1.55 4.87 22.79
C LEU A 108 0.88 3.53 22.50
N PHE A 109 0.10 3.01 23.45
CA PHE A 109 -0.60 1.76 23.21
C PHE A 109 -1.55 1.91 22.02
N GLN A 110 -2.30 3.00 21.98
CA GLN A 110 -3.22 3.25 20.88
C GLN A 110 -2.47 3.43 19.57
N LEU A 111 -1.35 4.15 19.60
CA LEU A 111 -0.58 4.34 18.36
C LEU A 111 -0.13 3.00 17.83
N LEU A 112 0.33 2.11 18.72
CA LEU A 112 0.77 0.78 18.32
C LEU A 112 -0.37 -0.07 17.78
N GLN A 113 -1.59 0.12 18.31
CA GLN A 113 -2.71 -0.65 17.79
C GLN A 113 -3.06 -0.22 16.37
N GLY A 114 -3.05 1.09 16.11
CA GLY A 114 -3.34 1.56 14.77
C GLY A 114 -2.24 1.17 13.82
N LEU A 115 -1.00 1.19 14.31
CA LEU A 115 0.13 0.83 13.45
C LEU A 115 0.09 -0.65 13.13
N ALA A 116 -0.18 -1.48 14.15
CA ALA A 116 -0.24 -2.92 13.93
C ALA A 116 -1.29 -3.24 12.89
N PHE A 117 -2.40 -2.52 12.94
CA PHE A 117 -3.45 -2.69 11.93
C PHE A 117 -2.93 -2.32 10.55
N CYS A 118 -2.19 -1.19 10.43
CA CYS A 118 -1.61 -0.83 9.13
C CYS A 118 -0.68 -1.90 8.63
N HIS A 119 0.20 -2.38 9.51
CA HIS A 119 1.15 -3.39 9.10
C HIS A 119 0.44 -4.69 8.75
N SER A 120 -0.67 -5.00 9.42
CA SER A 120 -1.44 -6.19 9.07
C SER A 120 -2.02 -6.05 7.67
N HIS A 121 -2.27 -4.81 7.24
CA HIS A 121 -2.79 -4.55 5.88
C HIS A 121 -1.62 -4.41 4.89
N ARG A 122 -0.40 -4.71 5.34
CA ARG A 122 0.81 -4.64 4.49
C ARG A 122 0.98 -3.20 3.97
N VAL A 123 0.83 -2.22 4.86
CA VAL A 123 1.01 -0.80 4.49
C VAL A 123 2.02 -0.14 5.45
N LEU A 124 3.03 0.52 4.90
CA LEU A 124 3.99 1.31 5.71
C LEU A 124 3.46 2.75 5.72
N HIS A 125 3.47 3.40 6.87
CA HIS A 125 3.05 4.82 6.94
C HIS A 125 4.19 5.70 6.43
N ARG A 126 5.36 5.52 7.01
CA ARG A 126 6.56 6.29 6.63
C ARG A 126 6.58 7.74 7.04
N ASP A 127 5.55 8.29 7.67
CA ASP A 127 5.57 9.71 8.01
C ASP A 127 4.97 9.94 9.38
N LEU A 128 5.26 9.04 10.31
CA LEU A 128 4.73 9.18 11.67
C LEU A 128 5.59 10.21 12.40
N LYS A 129 5.05 11.41 12.55
CA LYS A 129 5.68 12.51 13.26
C LYS A 129 4.57 13.08 14.10
N PRO A 130 4.87 13.77 15.21
CA PRO A 130 3.79 14.29 16.07
C PRO A 130 2.75 15.13 15.36
N GLN A 131 3.13 15.81 14.28
CA GLN A 131 2.15 16.61 13.55
C GLN A 131 1.10 15.76 12.86
N ASN A 132 1.42 14.50 12.58
CA ASN A 132 0.49 13.61 11.90
C ASN A 132 -0.26 12.68 12.85
N LEU A 133 -0.21 12.95 14.14
CA LEU A 133 -0.91 12.14 15.15
C LEU A 133 -1.93 13.07 15.78
N LEU A 134 -3.21 12.73 15.68
CA LEU A 134 -4.31 13.59 16.14
C LEU A 134 -4.99 13.07 17.40
N ILE A 135 -5.31 14.00 18.31
CA ILE A 135 -5.94 13.65 19.58
C ILE A 135 -7.27 14.37 19.73
N ASN A 136 -8.20 13.73 20.44
CA ASN A 136 -9.48 14.36 20.72
C ASN A 136 -9.51 14.65 22.21
N THR A 137 -10.66 15.17 22.69
CA THR A 137 -10.80 15.49 24.11
C THR A 137 -11.30 14.33 24.94
N GLU A 138 -11.32 13.12 24.39
CA GLU A 138 -11.78 11.95 25.11
C GLU A 138 -10.66 10.98 25.42
N GLY A 139 -9.40 11.38 25.23
CA GLY A 139 -8.27 10.53 25.51
C GLY A 139 -7.83 9.62 24.38
N ALA A 140 -8.39 9.78 23.18
CA ALA A 140 -8.02 8.96 22.03
C ALA A 140 -6.97 9.66 21.16
N ILE A 141 -6.20 8.85 20.42
CA ILE A 141 -5.18 9.35 19.50
C ILE A 141 -5.26 8.49 18.23
N LYS A 142 -5.12 9.12 17.06
CA LYS A 142 -5.24 8.39 15.80
C LYS A 142 -4.15 8.76 14.81
N LEU A 143 -3.80 7.80 13.96
CA LEU A 143 -2.82 8.03 12.92
C LEU A 143 -3.47 8.81 11.79
N ALA A 144 -2.76 9.77 11.23
CA ALA A 144 -3.31 10.55 10.13
C ALA A 144 -2.23 10.79 9.08
N ASP A 145 -2.63 11.52 8.03
CA ASP A 145 -1.75 11.93 6.93
C ASP A 145 -1.06 10.74 6.26
N PHE A 146 -1.86 9.93 5.58
CA PHE A 146 -1.34 8.76 4.89
C PHE A 146 -0.82 9.07 3.49
N GLY A 147 -0.48 10.34 3.23
CA GLY A 147 0.00 10.74 1.92
C GLY A 147 1.27 10.02 1.48
N LEU A 148 2.16 9.68 2.41
CA LEU A 148 3.38 8.99 2.08
C LEU A 148 3.31 7.48 2.24
N ALA A 149 2.17 6.95 2.68
CA ALA A 149 2.00 5.51 2.90
C ALA A 149 2.15 4.71 1.61
N ARG A 150 2.72 3.50 1.72
CA ARG A 150 2.89 2.62 0.56
C ARG A 150 2.68 1.18 1.00
N ALA A 151 2.10 0.38 0.12
CA ALA A 151 1.86 -1.04 0.41
C ALA A 151 3.12 -1.84 0.07
N PHE A 152 3.35 -2.91 0.83
CA PHE A 152 4.62 -3.66 0.65
C PHE A 152 4.35 -5.11 0.22
N GLY A 153 3.38 -5.33 -0.67
CA GLY A 153 3.22 -6.69 -1.23
C GLY A 153 4.49 -7.01 -1.95
N VAL A 154 5.17 -5.97 -2.39
CA VAL A 154 6.50 -6.10 -3.04
C VAL A 154 7.38 -5.03 -2.39
N PRO A 155 8.70 -5.24 -2.21
CA PRO A 155 9.56 -4.28 -1.53
C PRO A 155 9.39 -2.79 -1.91
N VAL A 156 9.34 -1.93 -0.90
CA VAL A 156 9.21 -0.46 -1.11
C VAL A 156 10.63 0.13 -1.14
N ARG A 157 11.00 0.77 -2.23
CA ARG A 157 12.39 1.24 -2.40
C ARG A 157 12.59 2.66 -1.88
N THR A 158 13.83 3.01 -1.56
CA THR A 158 14.17 4.37 -1.10
C THR A 158 14.53 5.20 -2.33
N TYR A 159 14.10 6.46 -2.36
CA TYR A 159 14.34 7.34 -3.53
C TYR A 159 15.05 8.63 -3.08
N TPO A 160 16.17 8.96 -3.72
CA TPO A 160 16.99 10.14 -3.31
CB TPO A 160 18.21 10.28 -4.23
CG2 TPO A 160 19.26 11.20 -3.66
OG1 TPO A 160 18.80 8.95 -4.38
P TPO A 160 19.55 8.49 -5.73
O1P TPO A 160 19.75 6.99 -5.60
O2P TPO A 160 20.86 9.25 -5.76
O3P TPO A 160 18.62 8.86 -6.87
C TPO A 160 16.17 11.42 -3.33
O TPO A 160 16.39 12.27 -2.45
N HIS A 161 15.25 11.56 -4.29
CA HIS A 161 14.51 12.83 -4.45
C HIS A 161 13.13 12.79 -3.78
N GLU A 162 12.94 11.94 -2.76
CA GLU A 162 11.64 11.95 -2.05
C GLU A 162 11.80 12.74 -0.74
N VAL A 163 10.87 13.63 -0.45
CA VAL A 163 10.91 14.42 0.83
C VAL A 163 10.25 13.59 1.93
N VAL A 164 11.02 13.16 2.94
CA VAL A 164 10.50 12.36 4.09
C VAL A 164 11.05 13.02 5.37
N THR A 165 10.60 12.63 6.56
CA THR A 165 11.03 13.34 7.80
C THR A 165 12.50 13.06 8.08
N LEU A 166 13.16 13.92 8.86
CA LEU A 166 14.57 13.71 9.23
C LEU A 166 14.66 13.33 10.72
N TRP A 167 14.02 14.13 11.57
CA TRP A 167 14.09 13.87 13.03
C TRP A 167 13.53 12.48 13.33
N TYR A 168 12.61 11.98 12.52
CA TYR A 168 12.00 10.70 12.83
C TYR A 168 12.43 9.59 11.86
N ARG A 169 13.50 9.84 11.09
CA ARG A 169 14.01 8.92 10.09
C ARG A 169 14.92 7.88 10.72
N ALA A 170 14.68 6.64 10.37
CA ALA A 170 15.42 5.50 10.91
C ALA A 170 16.87 5.48 10.40
N PRO A 171 17.79 4.95 11.20
CA PRO A 171 19.20 4.95 10.77
C PRO A 171 19.47 4.11 9.53
N GLU A 172 18.72 3.04 9.28
CA GLU A 172 19.00 2.25 8.08
C GLU A 172 18.70 3.07 6.83
N ILE A 173 17.71 3.97 6.91
CA ILE A 173 17.42 4.84 5.77
C ILE A 173 18.58 5.82 5.58
N LEU A 174 19.01 6.42 6.67
CA LEU A 174 20.13 7.36 6.61
C LEU A 174 21.39 6.68 6.07
N LEU A 175 21.60 5.40 6.40
CA LEU A 175 22.82 4.73 5.94
C LEU A 175 22.71 4.16 4.52
N GLY A 176 21.64 4.49 3.79
CA GLY A 176 21.47 4.13 2.40
C GLY A 176 20.78 2.82 2.06
N CYS A 177 20.05 2.21 2.99
CA CYS A 177 19.35 0.97 2.68
C CYS A 177 18.52 1.15 1.41
N LYS A 178 18.42 0.10 0.61
CA LYS A 178 17.71 0.15 -0.66
C LYS A 178 16.19 0.12 -0.52
N TYR A 179 15.74 -0.37 0.62
CA TYR A 179 14.29 -0.55 0.85
C TYR A 179 13.82 -0.07 2.22
N TYR A 180 12.54 0.27 2.30
CA TYR A 180 11.94 0.62 3.60
C TYR A 180 11.39 -0.67 4.21
N SER A 181 11.05 -0.65 5.49
CA SER A 181 10.41 -1.81 6.15
C SER A 181 9.48 -1.28 7.24
N THR A 182 8.65 -2.16 7.79
CA THR A 182 7.76 -1.81 8.93
C THR A 182 8.59 -1.20 10.08
N ALA A 183 9.86 -1.54 10.17
CA ALA A 183 10.71 -1.07 11.28
C ALA A 183 10.85 0.45 11.23
N VAL A 184 10.76 1.05 10.07
CA VAL A 184 10.93 2.50 10.08
C VAL A 184 9.79 3.15 10.83
N ASP A 185 8.59 2.54 10.81
CA ASP A 185 7.45 3.11 11.53
C ASP A 185 7.63 2.92 13.03
N ILE A 186 8.18 1.76 13.43
CA ILE A 186 8.43 1.51 14.86
C ILE A 186 9.47 2.51 15.35
N TRP A 187 10.53 2.75 14.56
CA TRP A 187 11.55 3.72 14.95
C TRP A 187 10.93 5.09 15.23
N SER A 188 10.05 5.54 14.32
CA SER A 188 9.39 6.83 14.48
C SER A 188 8.63 6.87 15.77
N LEU A 189 7.87 5.80 16.05
CA LEU A 189 7.10 5.77 17.27
C LEU A 189 8.01 5.77 18.49
N GLY A 190 9.20 5.18 18.36
CA GLY A 190 10.12 5.19 19.49
C GLY A 190 10.59 6.60 19.78
N CYS A 191 10.93 7.35 18.72
CA CYS A 191 11.33 8.73 18.91
C CYS A 191 10.22 9.52 19.57
N ILE A 192 8.98 9.27 19.14
CA ILE A 192 7.83 9.98 19.69
C ILE A 192 7.57 9.58 21.14
N PHE A 193 7.79 8.32 21.49
CA PHE A 193 7.60 7.88 22.87
C PHE A 193 8.60 8.61 23.76
N ALA A 194 9.86 8.69 23.34
CA ALA A 194 10.83 9.43 24.13
C ALA A 194 10.51 10.93 24.17
N GLU A 195 10.01 11.49 23.09
CA GLU A 195 9.68 12.92 23.08
C GLU A 195 8.54 13.21 24.05
N MET A 196 7.56 12.31 24.14
CA MET A 196 6.44 12.52 25.07
C MET A 196 6.94 12.54 26.51
N VAL A 197 7.97 11.74 26.81
CA VAL A 197 8.52 11.60 28.17
C VAL A 197 9.39 12.78 28.55
N THR A 198 10.26 13.23 27.64
CA THR A 198 11.19 14.31 27.91
C THR A 198 10.70 15.67 27.46
N ARG A 199 9.74 15.74 26.55
CA ARG A 199 9.24 17.00 25.98
C ARG A 199 10.32 17.72 25.17
N ARG A 200 11.16 16.95 24.50
CA ARG A 200 12.19 17.50 23.64
C ARG A 200 12.39 16.45 22.55
N ALA A 201 12.56 16.88 21.31
CA ALA A 201 12.79 15.91 20.24
C ALA A 201 14.03 15.09 20.58
N LEU A 202 13.94 13.77 20.40
CA LEU A 202 15.04 12.89 20.75
C LEU A 202 16.25 13.10 19.85
N PHE A 203 16.05 13.22 18.54
CA PHE A 203 17.15 13.40 17.59
C PHE A 203 16.86 14.55 16.64
N PRO A 204 17.05 15.80 17.08
CA PRO A 204 16.72 16.92 16.19
C PRO A 204 17.86 17.35 15.26
N GLY A 205 18.20 16.49 14.29
CA GLY A 205 19.30 16.80 13.37
C GLY A 205 18.95 17.90 12.40
N ASP A 206 19.99 18.49 11.79
CA ASP A 206 19.79 19.56 10.81
C ASP A 206 20.38 19.22 9.45
N SER A 207 20.87 18.01 9.28
CA SER A 207 21.41 17.48 8.04
C SER A 207 21.38 15.97 8.19
N GLU A 208 21.53 15.25 7.07
CA GLU A 208 21.51 13.79 7.18
C GLU A 208 22.67 13.29 8.04
N ILE A 209 23.86 13.86 7.88
CA ILE A 209 24.97 13.38 8.70
C ILE A 209 24.80 13.83 10.14
N ASP A 210 24.25 15.03 10.37
CA ASP A 210 24.04 15.48 11.74
C ASP A 210 23.04 14.57 12.46
N GLN A 211 21.96 14.20 11.75
CA GLN A 211 20.95 13.29 12.29
C GLN A 211 21.58 11.96 12.68
N LEU A 212 22.44 11.46 11.81
CA LEU A 212 23.08 10.18 12.08
C LEU A 212 23.98 10.25 13.31
N PHE A 213 24.84 11.27 13.39
CA PHE A 213 25.75 11.37 14.54
C PHE A 213 24.97 11.54 15.83
N ARG A 214 23.87 12.31 15.78
CA ARG A 214 23.04 12.46 16.97
C ARG A 214 22.55 11.10 17.44
N ILE A 215 22.09 10.26 16.52
CA ILE A 215 21.66 8.92 16.93
C ILE A 215 22.84 8.17 17.53
N PHE A 216 24.01 8.23 16.88
CA PHE A 216 25.18 7.53 17.38
C PHE A 216 25.56 8.00 18.78
N ARG A 217 25.51 9.31 19.04
CA ARG A 217 25.88 9.82 20.36
C ARG A 217 24.95 9.31 21.44
N THR A 218 23.71 8.99 21.10
CA THR A 218 22.77 8.48 22.10
C THR A 218 22.77 6.96 22.21
N LEU A 219 22.67 6.25 21.08
CA LEU A 219 22.63 4.79 21.10
C LEU A 219 23.97 4.13 20.91
N GLY A 220 25.02 4.90 20.63
CA GLY A 220 26.35 4.36 20.39
C GLY A 220 26.58 4.09 18.92
N THR A 221 27.84 4.21 18.51
CA THR A 221 28.16 3.92 17.11
C THR A 221 27.93 2.44 16.85
N PRO A 222 27.09 2.06 15.89
CA PRO A 222 26.85 0.64 15.65
C PRO A 222 28.05 -0.05 15.03
N ASP A 223 28.11 -1.37 15.22
CA ASP A 223 29.16 -2.22 14.64
C ASP A 223 28.49 -3.51 14.18
N GLU A 224 29.30 -4.41 13.58
CA GLU A 224 28.75 -5.66 13.07
C GLU A 224 28.09 -6.52 14.14
N VAL A 225 28.46 -6.34 15.40
CA VAL A 225 27.87 -7.14 16.49
C VAL A 225 26.43 -6.72 16.77
N VAL A 226 26.17 -5.42 16.90
CA VAL A 226 24.79 -5.01 17.20
C VAL A 226 23.95 -4.98 15.93
N TRP A 227 24.54 -4.71 14.78
CA TRP A 227 23.78 -4.63 13.55
C TRP A 227 24.57 -5.26 12.41
N PRO A 228 24.38 -6.57 12.19
CA PRO A 228 25.11 -7.25 11.11
C PRO A 228 24.85 -6.60 9.77
N GLY A 229 25.93 -6.30 9.05
CA GLY A 229 25.88 -5.65 7.76
C GLY A 229 26.14 -4.15 7.75
N VAL A 230 26.11 -3.46 8.91
CA VAL A 230 26.31 -2.01 8.93
C VAL A 230 27.52 -1.59 8.12
N THR A 231 28.66 -2.27 8.34
CA THR A 231 29.90 -1.92 7.66
C THR A 231 29.82 -2.04 6.14
N SER A 232 28.82 -2.74 5.62
CA SER A 232 28.65 -2.91 4.17
C SER A 232 27.64 -1.93 3.58
N MET A 233 27.03 -1.08 4.40
CA MET A 233 26.01 -0.20 3.84
C MET A 233 26.60 0.93 3.01
N PRO A 234 25.83 1.42 2.01
CA PRO A 234 26.34 2.45 1.10
C PRO A 234 26.92 3.70 1.72
N ASP A 235 26.21 4.30 2.68
CA ASP A 235 26.68 5.53 3.28
C ASP A 235 27.45 5.32 4.57
N TYR A 236 27.87 4.09 4.87
CA TYR A 236 28.64 3.84 6.08
C TYR A 236 30.09 4.24 5.82
N LYS A 237 30.74 4.79 6.84
CA LYS A 237 32.15 5.21 6.70
C LYS A 237 32.92 4.67 7.89
N PRO A 238 34.06 4.02 7.67
CA PRO A 238 34.85 3.54 8.82
C PRO A 238 35.29 4.71 9.69
N SER A 239 35.32 5.92 9.11
CA SER A 239 35.69 7.17 9.74
C SER A 239 34.69 7.64 10.77
N PHE A 240 33.54 6.99 10.87
CA PHE A 240 32.53 7.41 11.83
C PHE A 240 33.11 7.43 13.23
N PRO A 241 32.92 8.51 13.98
CA PRO A 241 33.42 8.58 15.36
C PRO A 241 32.76 7.50 16.20
N LYS A 242 33.50 7.02 17.19
CA LYS A 242 33.03 5.98 18.09
C LYS A 242 32.51 6.60 19.37
N TRP A 243 31.19 6.58 19.54
CA TRP A 243 30.51 7.08 20.72
C TRP A 243 29.95 5.90 21.48
N ALA A 244 29.82 6.06 22.78
CA ALA A 244 29.31 5.01 23.64
C ALA A 244 27.82 5.19 23.84
N ARG A 245 27.11 4.07 23.91
CA ARG A 245 25.68 4.16 24.13
C ARG A 245 25.41 4.77 25.50
N GLN A 246 24.59 5.80 25.54
CA GLN A 246 24.29 6.42 26.82
C GLN A 246 23.36 5.53 27.62
N ASP A 247 23.35 5.75 28.93
CA ASP A 247 22.48 5.00 29.82
C ASP A 247 21.07 5.54 29.68
N PHE A 248 20.09 4.66 29.53
CA PHE A 248 18.74 5.17 29.36
C PHE A 248 18.19 5.81 30.62
N SER A 249 18.84 5.64 31.78
CA SER A 249 18.37 6.30 33.01
C SER A 249 18.50 7.82 32.86
N LYS A 250 19.44 8.26 32.03
CA LYS A 250 19.65 9.66 31.76
C LYS A 250 18.95 10.11 30.48
N VAL A 251 18.76 9.21 29.51
CA VAL A 251 18.08 9.58 28.27
C VAL A 251 16.61 9.85 28.53
N VAL A 252 15.97 8.98 29.32
CA VAL A 252 14.55 9.09 29.66
C VAL A 252 14.39 8.83 31.16
N PRO A 253 14.79 9.78 32.01
CA PRO A 253 14.71 9.58 33.47
C PRO A 253 13.33 9.21 33.99
N PRO A 254 12.25 9.92 33.59
CA PRO A 254 10.93 9.59 34.16
C PRO A 254 10.43 8.19 33.89
N LEU A 255 11.01 7.49 32.92
CA LEU A 255 10.53 6.18 32.55
C LEU A 255 11.05 5.08 33.46
N ASP A 256 10.19 4.11 33.74
CA ASP A 256 10.57 2.99 34.57
C ASP A 256 11.36 1.97 33.76
N GLU A 257 11.72 0.87 34.41
CA GLU A 257 12.48 -0.18 33.73
C GLU A 257 11.68 -0.79 32.59
N ASP A 258 10.37 -0.99 32.78
CA ASP A 258 9.56 -1.56 31.69
C ASP A 258 9.49 -0.61 30.50
N GLY A 259 9.29 0.67 30.78
CA GLY A 259 9.24 1.64 29.70
C GLY A 259 10.59 1.74 29.00
N ARG A 260 11.67 1.73 29.78
CA ARG A 260 12.97 1.80 29.15
C ARG A 260 13.24 0.56 28.32
N SER A 261 12.71 -0.59 28.75
CA SER A 261 12.85 -1.82 27.97
C SER A 261 12.19 -1.68 26.61
N LEU A 262 10.94 -1.23 26.58
CA LEU A 262 10.23 -1.07 25.32
C LEU A 262 10.93 -0.11 24.39
N LEU A 263 11.32 1.07 24.90
CA LEU A 263 11.99 2.05 24.06
C LEU A 263 13.27 1.51 23.45
N SER A 264 14.08 0.76 24.22
CA SER A 264 15.31 0.22 23.63
C SER A 264 15.00 -0.75 22.50
N GLN A 265 13.95 -1.55 22.66
CA GLN A 265 13.60 -2.50 21.59
C GLN A 265 13.02 -1.77 20.39
N MET A 266 12.29 -0.67 20.62
CA MET A 266 11.78 0.10 19.50
C MET A 266 12.90 0.89 18.80
N LEU A 267 14.04 1.10 19.47
CA LEU A 267 15.16 1.84 18.90
C LEU A 267 16.35 0.94 18.57
N HIS A 268 16.13 -0.37 18.43
CA HIS A 268 17.20 -1.27 18.06
C HIS A 268 17.73 -0.90 16.67
N TYR A 269 19.05 -0.93 16.53
CA TYR A 269 19.66 -0.56 15.26
C TYR A 269 19.28 -1.51 14.13
N ASP A 270 19.22 -2.80 14.41
CA ASP A 270 18.95 -3.78 13.36
C ASP A 270 17.49 -3.77 12.93
N PRO A 271 17.16 -3.34 11.71
CA PRO A 271 15.74 -3.37 11.30
C PRO A 271 15.17 -4.76 11.39
N ASN A 272 16.02 -5.78 11.28
CA ASN A 272 15.55 -7.15 11.35
C ASN A 272 15.18 -7.57 12.76
N LYS A 273 15.75 -6.95 13.78
CA LYS A 273 15.47 -7.33 15.16
C LYS A 273 14.65 -6.29 15.92
N ARG A 274 14.45 -5.09 15.35
CA ARG A 274 13.62 -4.07 15.98
C ARG A 274 12.24 -4.65 16.25
N ILE A 275 11.69 -4.37 17.43
CA ILE A 275 10.42 -4.96 17.80
C ILE A 275 9.28 -4.62 16.83
N SER A 276 8.40 -5.58 16.61
CA SER A 276 7.24 -5.37 15.75
C SER A 276 6.15 -4.64 16.52
N ALA A 277 5.19 -4.06 15.80
CA ALA A 277 4.10 -3.37 16.49
C ALA A 277 3.27 -4.35 17.31
N LYS A 278 2.96 -5.53 16.76
CA LYS A 278 2.18 -6.49 17.53
C LYS A 278 2.96 -6.97 18.74
N ALA A 279 4.27 -7.15 18.59
CA ALA A 279 5.06 -7.56 19.74
C ALA A 279 5.11 -6.46 20.79
N ALA A 280 5.21 -5.19 20.37
CA ALA A 280 5.27 -4.12 21.36
C ALA A 280 4.01 -4.11 22.23
N LEU A 281 2.86 -4.44 21.62
CA LEU A 281 1.61 -4.47 22.38
C LEU A 281 1.65 -5.54 23.48
N ALA A 282 2.47 -6.57 23.30
CA ALA A 282 2.61 -7.65 24.27
C ALA A 282 3.67 -7.36 25.31
N HIS A 283 4.39 -6.25 25.19
CA HIS A 283 5.46 -5.92 26.13
C HIS A 283 4.90 -5.67 27.54
N PRO A 284 5.62 -6.06 28.59
CA PRO A 284 5.13 -5.84 29.96
C PRO A 284 4.83 -4.39 30.28
N PHE A 285 5.29 -3.43 29.48
CA PHE A 285 4.96 -2.05 29.79
C PHE A 285 3.46 -1.83 29.74
N PHE A 286 2.74 -2.62 28.95
CA PHE A 286 1.29 -2.50 28.80
C PHE A 286 0.49 -3.56 29.56
N GLN A 287 1.07 -4.22 30.57
CA GLN A 287 0.30 -5.26 31.29
C GLN A 287 -0.88 -4.68 32.03
N ASP A 288 -0.81 -3.43 32.49
CA ASP A 288 -1.95 -2.87 33.21
C ASP A 288 -3.05 -2.44 32.24
N VAL A 289 -2.71 -2.07 31.01
CA VAL A 289 -3.74 -1.63 30.08
C VAL A 289 -4.35 -2.78 29.27
N THR A 290 -3.73 -3.95 29.20
CA THR A 290 -4.32 -5.04 28.45
C THR A 290 -4.09 -6.36 29.17
N LYS A 291 -4.78 -7.40 28.69
CA LYS A 291 -4.68 -8.77 29.20
C LYS A 291 -4.92 -9.67 27.98
N PRO A 292 -4.01 -10.62 27.71
CA PRO A 292 -4.16 -11.48 26.54
C PRO A 292 -5.45 -12.28 26.54
N VAL A 293 -5.68 -12.93 25.41
CA VAL A 293 -6.85 -13.76 25.20
C VAL A 293 -6.36 -15.21 25.09
N PRO A 294 -7.24 -16.18 25.34
CA PRO A 294 -6.80 -17.58 25.22
C PRO A 294 -6.47 -17.89 23.77
N HIS A 295 -5.32 -18.53 23.56
CA HIS A 295 -4.89 -18.87 22.20
C HIS A 295 -5.34 -20.27 21.83
N LEU A 296 -5.86 -20.41 20.62
CA LEU A 296 -6.26 -21.71 20.11
C LEU A 296 -5.04 -22.36 19.45
N ARG A 297 -4.90 -23.68 19.65
CA ARG A 297 -3.81 -24.54 19.14
C ARG A 297 -2.54 -24.41 19.98
N ILE B 4 -14.87 -16.94 0.16
CA ILE B 4 -16.04 -17.81 0.48
C ILE B 4 -15.65 -19.27 0.23
N ALA B 5 -14.49 -19.70 0.73
CA ALA B 5 -14.02 -21.07 0.43
C ALA B 5 -13.74 -21.74 1.78
N PRO B 6 -14.72 -22.47 2.33
CA PRO B 6 -14.57 -23.04 3.66
C PRO B 6 -13.40 -24.04 3.74
N SER B 7 -13.00 -24.60 2.61
CA SER B 7 -11.95 -25.64 2.59
C SER B 7 -10.56 -25.01 2.40
N ARG B 8 -10.46 -23.69 2.43
CA ARG B 8 -9.15 -23.03 2.15
C ARG B 8 -8.32 -22.89 3.43
N GLY B 9 -7.07 -23.35 3.37
CA GLY B 9 -6.16 -23.23 4.50
C GLY B 9 -5.33 -21.97 4.41
N SER B 10 -4.48 -21.75 5.42
CA SER B 10 -3.64 -20.56 5.36
C SER B 10 -2.23 -21.00 5.11
N PRO B 11 -1.63 -20.59 3.97
CA PRO B 11 -0.29 -21.00 3.63
C PRO B 11 0.81 -20.05 4.10
N LEU B 12 0.42 -18.93 4.69
CA LEU B 12 1.44 -17.90 5.05
C LEU B 12 2.40 -18.43 6.10
N PRO B 13 3.70 -18.17 5.97
CA PRO B 13 4.66 -18.56 6.98
C PRO B 13 4.55 -17.62 8.18
N VAL B 14 5.28 -17.95 9.24
CA VAL B 14 5.28 -17.07 10.45
C VAL B 14 5.94 -15.74 10.05
N LEU B 15 5.33 -14.63 10.45
CA LEU B 15 5.84 -13.29 10.06
C LEU B 15 6.26 -12.50 11.32
N SER B 16 7.44 -11.89 11.28
CA SER B 16 7.90 -11.06 12.41
C SER B 16 7.10 -9.74 12.46
N TRP B 17 6.73 -9.18 11.31
CA TRP B 17 6.13 -7.82 11.26
C TRP B 17 4.63 -7.78 11.59
N ALA B 18 3.97 -8.93 11.61
CA ALA B 18 2.52 -8.91 11.88
C ALA B 18 1.95 -10.30 12.18
N ASN B 19 0.69 -10.32 12.60
CA ASN B 19 0.03 -11.57 12.91
C ASN B 19 -0.44 -12.22 11.61
N ARG B 20 0.21 -13.34 11.22
CA ARG B 20 -0.14 -14.09 10.01
C ARG B 20 -1.65 -14.32 9.88
N GLU B 21 -2.33 -14.61 10.99
CA GLU B 21 -3.76 -14.84 10.90
C GLU B 21 -4.50 -13.58 10.45
N GLU B 22 -4.13 -12.42 10.99
CA GLU B 22 -4.83 -11.19 10.58
C GLU B 22 -4.43 -10.79 9.16
N VAL B 23 -3.16 -11.01 8.79
CA VAL B 23 -2.72 -10.69 7.44
C VAL B 23 -3.51 -11.50 6.43
N TRP B 24 -3.63 -12.81 6.68
CA TRP B 24 -4.36 -13.69 5.78
C TRP B 24 -5.83 -13.31 5.73
N LYS B 25 -6.42 -13.02 6.90
CA LYS B 25 -7.83 -12.64 6.94
C LYS B 25 -8.11 -11.41 6.09
N ILE B 26 -7.29 -10.38 6.19
CA ILE B 26 -7.50 -9.16 5.35
C ILE B 26 -7.44 -9.56 3.87
N MET B 27 -6.48 -10.40 3.50
CA MET B 27 -6.35 -10.84 2.09
C MET B 27 -7.64 -11.55 1.68
N LEU B 28 -8.17 -12.41 2.54
CA LEU B 28 -9.38 -13.18 2.20
C LEU B 28 -10.56 -12.23 2.08
N ASN B 29 -10.64 -11.23 2.97
CA ASN B 29 -11.79 -10.33 2.93
C ASN B 29 -11.83 -9.46 1.69
N LYS B 30 -10.72 -9.35 0.96
CA LYS B 30 -10.71 -8.46 -0.22
C LYS B 30 -11.66 -9.05 -1.28
N GLU B 31 -11.60 -10.37 -1.44
CA GLU B 31 -12.45 -11.04 -2.42
C GLU B 31 -13.92 -10.86 -2.11
N LYS B 32 -14.24 -10.41 -0.89
CA LYS B 32 -15.61 -10.18 -0.48
C LYS B 32 -16.01 -8.72 -0.69
N THR B 33 -15.08 -7.84 -0.97
CA THR B 33 -15.41 -6.46 -1.27
C THR B 33 -15.32 -6.16 -2.76
N TYR B 34 -14.40 -6.80 -3.46
CA TYR B 34 -14.17 -6.56 -4.87
C TYR B 34 -14.82 -7.68 -5.68
N LEU B 35 -15.96 -7.38 -6.29
CA LEU B 35 -16.73 -8.35 -7.04
C LEU B 35 -16.33 -8.46 -8.51
N ARG B 36 -16.83 -9.52 -9.13
CA ARG B 36 -16.54 -9.81 -10.52
C ARG B 36 -17.86 -10.26 -11.13
N ASP B 37 -18.06 -10.03 -12.42
CA ASP B 37 -19.29 -10.41 -13.09
C ASP B 37 -18.93 -10.84 -14.50
N GLN B 38 -18.76 -12.15 -14.73
CA GLN B 38 -18.37 -12.65 -16.03
C GLN B 38 -19.39 -12.33 -17.11
N HIS B 39 -20.61 -11.94 -16.73
CA HIS B 39 -21.65 -11.62 -17.69
C HIS B 39 -21.90 -10.13 -17.81
N PHE B 40 -21.00 -9.28 -17.30
CA PHE B 40 -21.28 -7.85 -17.36
C PHE B 40 -21.49 -7.34 -18.79
N LEU B 41 -20.89 -7.98 -19.80
CA LEU B 41 -21.10 -7.47 -21.15
C LEU B 41 -22.56 -7.61 -21.60
N GLU B 42 -23.36 -8.43 -20.89
CA GLU B 42 -24.78 -8.53 -21.21
C GLU B 42 -25.49 -7.21 -20.97
N GLN B 43 -24.93 -6.33 -20.14
CA GLN B 43 -25.51 -5.02 -19.90
C GLN B 43 -25.18 -4.06 -21.03
N HIS B 44 -24.27 -4.45 -21.93
CA HIS B 44 -23.85 -3.63 -23.07
C HIS B 44 -24.07 -4.49 -24.30
N PRO B 45 -25.33 -4.61 -24.77
CA PRO B 45 -25.65 -5.43 -25.94
C PRO B 45 -24.85 -5.14 -27.20
N LEU B 46 -24.41 -3.92 -27.40
CA LEU B 46 -23.64 -3.62 -28.61
C LEU B 46 -22.17 -3.99 -28.48
N LEU B 47 -21.77 -4.60 -27.37
CA LEU B 47 -20.39 -5.01 -27.19
C LEU B 47 -20.28 -6.52 -27.35
N GLN B 48 -19.10 -6.96 -27.75
CA GLN B 48 -18.83 -8.41 -27.87
C GLN B 48 -17.56 -8.72 -27.10
N PRO B 49 -17.46 -9.90 -26.48
CA PRO B 49 -16.25 -10.25 -25.69
C PRO B 49 -14.92 -10.01 -26.40
N LYS B 50 -14.85 -10.20 -27.70
CA LYS B 50 -13.54 -10.02 -28.37
C LYS B 50 -13.07 -8.58 -28.16
N MET B 51 -14.01 -7.65 -28.09
CA MET B 51 -13.62 -6.24 -27.92
C MET B 51 -12.83 -6.05 -26.65
N ARG B 52 -13.24 -6.72 -25.56
CA ARG B 52 -12.50 -6.58 -24.31
C ARG B 52 -11.11 -7.17 -24.46
N ALA B 53 -11.01 -8.35 -25.09
CA ALA B 53 -9.69 -8.96 -25.30
C ALA B 53 -8.77 -8.01 -26.06
N ILE B 54 -9.29 -7.42 -27.16
CA ILE B 54 -8.49 -6.50 -27.96
C ILE B 54 -8.07 -5.30 -27.11
N LEU B 55 -9.01 -4.75 -26.34
CA LEU B 55 -8.66 -3.59 -25.53
C LEU B 55 -7.60 -3.94 -24.48
N LEU B 56 -7.76 -5.10 -23.81
CA LEU B 56 -6.81 -5.49 -22.78
C LEU B 56 -5.46 -5.83 -23.36
N ASP B 57 -5.42 -6.44 -24.55
CA ASP B 57 -4.12 -6.74 -25.17
C ASP B 57 -3.39 -5.44 -25.51
N TRP B 58 -4.12 -4.44 -26.01
CA TRP B 58 -3.52 -3.15 -26.34
C TRP B 58 -2.98 -2.46 -25.08
N LEU B 59 -3.76 -2.45 -24.00
CA LEU B 59 -3.23 -1.85 -22.76
C LEU B 59 -1.96 -2.57 -22.33
N MET B 60 -1.90 -3.90 -22.50
CA MET B 60 -0.70 -4.63 -22.14
C MET B 60 0.48 -4.12 -22.95
N GLU B 61 0.26 -3.87 -24.24
CA GLU B 61 1.37 -3.37 -25.06
C GLU B 61 1.74 -1.96 -24.64
N VAL B 62 0.77 -1.15 -24.21
CA VAL B 62 1.10 0.18 -23.72
C VAL B 62 2.00 0.06 -22.50
N CYS B 63 1.64 -0.84 -21.59
CA CYS B 63 2.40 -1.07 -20.38
C CYS B 63 3.85 -1.44 -20.69
N GLU B 64 4.09 -2.33 -21.65
CA GLU B 64 5.47 -2.70 -21.95
C GLU B 64 6.24 -1.48 -22.46
N VAL B 65 5.70 -0.77 -23.44
CA VAL B 65 6.35 0.40 -24.01
C VAL B 65 6.86 1.34 -22.91
N TYR B 66 6.01 1.66 -21.93
CA TYR B 66 6.42 2.52 -20.83
C TYR B 66 6.98 1.74 -19.66
N LYS B 67 7.21 0.44 -19.83
CA LYS B 67 7.76 -0.41 -18.79
C LYS B 67 6.98 -0.30 -17.49
N LEU B 68 5.65 -0.35 -17.60
CA LEU B 68 4.86 -0.24 -16.40
C LEU B 68 4.83 -1.58 -15.68
N HIS B 69 4.45 -1.55 -14.41
CA HIS B 69 4.44 -2.80 -13.66
C HIS B 69 3.25 -3.67 -14.01
N ARG B 70 3.41 -4.97 -13.79
CA ARG B 70 2.30 -5.91 -14.02
C ARG B 70 1.12 -5.53 -13.15
N GLU B 71 1.38 -5.09 -11.92
CA GLU B 71 0.27 -4.70 -11.05
C GLU B 71 -0.54 -3.56 -11.65
N THR B 72 0.13 -2.64 -12.35
CA THR B 72 -0.56 -1.51 -12.96
C THR B 72 -1.51 -2.00 -14.03
N PHE B 73 -1.04 -2.94 -14.86
CA PHE B 73 -1.94 -3.51 -15.86
C PHE B 73 -3.13 -4.21 -15.21
N TYR B 74 -2.88 -5.05 -14.20
CA TYR B 74 -4.01 -5.77 -13.59
C TYR B 74 -4.92 -4.82 -12.81
N LEU B 75 -4.39 -3.71 -12.26
CA LEU B 75 -5.28 -2.73 -11.63
C LEU B 75 -6.20 -2.13 -12.69
N ALA B 76 -5.65 -1.85 -13.88
CA ALA B 76 -6.46 -1.29 -14.97
C ALA B 76 -7.52 -2.28 -15.45
N GLN B 77 -7.17 -3.57 -15.51
CA GLN B 77 -8.13 -4.61 -15.92
C GLN B 77 -9.25 -4.73 -14.91
N ASP B 78 -8.90 -4.78 -13.63
CA ASP B 78 -9.93 -4.86 -12.60
C ASP B 78 -10.78 -3.58 -12.59
N PHE B 79 -10.14 -2.42 -12.72
CA PHE B 79 -10.94 -1.18 -12.72
C PHE B 79 -11.94 -1.20 -13.88
N PHE B 80 -11.48 -1.53 -15.08
CA PHE B 80 -12.34 -1.61 -16.27
C PHE B 80 -13.52 -2.56 -16.08
N ASP B 81 -13.24 -3.82 -15.71
CA ASP B 81 -14.29 -4.82 -15.55
C ASP B 81 -15.29 -4.44 -14.47
N ARG B 82 -14.82 -3.90 -13.35
CA ARG B 82 -15.72 -3.50 -12.27
C ARG B 82 -16.54 -2.28 -12.70
N TYR B 83 -15.92 -1.35 -13.44
CA TYR B 83 -16.63 -0.15 -13.89
C TYR B 83 -17.73 -0.50 -14.88
N MET B 84 -17.41 -1.34 -15.87
CA MET B 84 -18.42 -1.72 -16.85
C MET B 84 -19.59 -2.43 -16.17
N ALA B 85 -19.30 -3.23 -15.14
CA ALA B 85 -20.38 -3.90 -14.44
C ALA B 85 -21.34 -2.90 -13.81
N THR B 86 -20.91 -1.66 -13.58
CA THR B 86 -21.80 -0.65 -13.00
C THR B 86 -22.47 0.21 -14.05
N GLN B 87 -22.11 0.05 -15.33
CA GLN B 87 -22.64 0.85 -16.42
C GLN B 87 -23.57 0.03 -17.33
N GLU B 88 -24.16 0.73 -18.29
CA GLU B 88 -25.05 0.08 -19.25
C GLU B 88 -24.92 0.77 -20.59
N ASN B 89 -25.23 0.01 -21.63
CA ASN B 89 -25.28 0.43 -23.03
C ASN B 89 -24.09 1.25 -23.50
N VAL B 90 -22.91 0.73 -23.26
CA VAL B 90 -21.69 1.40 -23.71
C VAL B 90 -21.43 0.89 -25.12
N VAL B 91 -20.81 1.71 -25.95
CA VAL B 91 -20.51 1.30 -27.31
C VAL B 91 -19.00 1.23 -27.54
N LYS B 92 -18.63 0.52 -28.60
CA LYS B 92 -17.22 0.26 -28.95
C LYS B 92 -16.35 1.51 -28.97
N THR B 93 -16.84 2.61 -29.53
CA THR B 93 -16.07 3.83 -29.68
C THR B 93 -15.66 4.49 -28.37
N LEU B 94 -16.17 4.05 -27.22
CA LEU B 94 -15.80 4.64 -25.95
C LEU B 94 -14.84 3.78 -25.13
N LEU B 95 -14.61 2.53 -25.54
CA LEU B 95 -13.76 1.61 -24.79
C LEU B 95 -12.33 2.08 -24.65
N GLN B 96 -11.73 2.61 -25.73
CA GLN B 96 -10.35 3.08 -25.66
C GLN B 96 -10.19 4.12 -24.55
N LEU B 97 -11.14 5.05 -24.43
CA LEU B 97 -11.03 6.05 -23.39
C LEU B 97 -11.25 5.42 -22.02
N ILE B 98 -12.19 4.50 -21.90
CA ILE B 98 -12.40 3.91 -20.60
C ILE B 98 -11.17 3.13 -20.18
N GLY B 99 -10.59 2.39 -21.13
CA GLY B 99 -9.40 1.61 -20.83
C GLY B 99 -8.19 2.45 -20.49
N ILE B 100 -7.89 3.46 -21.32
CA ILE B 100 -6.71 4.29 -21.07
C ILE B 100 -6.85 5.06 -19.76
N SER B 101 -8.06 5.49 -19.41
CA SER B 101 -8.23 6.21 -18.16
C SER B 101 -8.08 5.26 -16.98
N SER B 102 -8.45 3.99 -17.17
CA SER B 102 -8.29 3.00 -16.14
C SER B 102 -6.80 2.80 -15.89
N LEU B 103 -6.01 2.77 -16.98
CA LEU B 103 -4.56 2.62 -16.84
C LEU B 103 -3.95 3.86 -16.20
N PHE B 104 -4.48 5.05 -16.52
CA PHE B 104 -3.98 6.29 -15.93
C PHE B 104 -4.17 6.26 -14.43
N ILE B 105 -5.35 5.87 -13.97
CA ILE B 105 -5.60 5.79 -12.53
C ILE B 105 -4.64 4.78 -11.92
N ALA B 106 -4.57 3.60 -12.53
CA ALA B 106 -3.70 2.54 -12.04
C ALA B 106 -2.24 3.01 -11.94
N ALA B 107 -1.70 3.61 -13.01
CA ALA B 107 -0.31 4.05 -13.00
C ALA B 107 -0.07 5.08 -11.91
N LYS B 108 -1.04 5.97 -11.69
CA LYS B 108 -0.86 6.97 -10.65
C LYS B 108 -0.82 6.31 -9.27
N LEU B 109 -1.60 5.25 -9.07
CA LEU B 109 -1.59 4.57 -7.78
C LEU B 109 -0.31 3.77 -7.54
N GLU B 110 0.16 3.02 -8.54
CA GLU B 110 1.24 2.04 -8.43
C GLU B 110 2.66 2.47 -8.81
N GLU B 111 2.84 3.31 -9.83
CA GLU B 111 4.17 3.69 -10.24
C GLU B 111 4.68 4.81 -9.36
N ILE B 112 6.00 4.84 -9.16
CA ILE B 112 6.60 5.92 -8.39
C ILE B 112 6.66 7.17 -9.24
N TYR B 113 7.03 7.03 -10.50
CA TYR B 113 7.11 8.14 -11.45
C TYR B 113 6.25 7.72 -12.63
N PRO B 114 4.94 7.89 -12.53
CA PRO B 114 4.04 7.47 -13.62
C PRO B 114 4.24 8.31 -14.87
N PRO B 115 3.86 7.81 -16.04
CA PRO B 115 4.00 8.62 -17.25
C PRO B 115 3.04 9.78 -17.11
N LYS B 116 3.35 10.89 -17.79
CA LYS B 116 2.49 12.04 -17.67
C LYS B 116 1.24 11.87 -18.52
N LEU B 117 0.17 12.57 -18.13
CA LEU B 117 -1.10 12.51 -18.85
C LEU B 117 -0.92 12.67 -20.35
N HIS B 118 -0.06 13.60 -20.78
CA HIS B 118 0.11 13.81 -22.21
C HIS B 118 0.60 12.54 -22.89
N GLN B 119 1.37 11.71 -22.17
CA GLN B 119 1.84 10.46 -22.78
C GLN B 119 0.68 9.46 -22.92
N PHE B 120 -0.27 9.49 -21.99
CA PHE B 120 -1.43 8.61 -22.11
C PHE B 120 -2.28 9.04 -23.29
N ALA B 121 -2.40 10.35 -23.51
CA ALA B 121 -3.15 10.81 -24.68
C ALA B 121 -2.37 10.49 -25.95
N TYR B 122 -1.05 10.68 -25.90
CA TYR B 122 -0.20 10.41 -27.06
C TYR B 122 -0.40 9.00 -27.62
N VAL B 123 -0.36 7.97 -26.76
CA VAL B 123 -0.51 6.60 -27.25
C VAL B 123 -1.88 6.33 -27.85
N THR B 124 -2.86 7.19 -27.60
CA THR B 124 -4.15 6.94 -28.25
C THR B 124 -4.14 7.40 -29.70
N ASP B 125 -3.08 8.08 -30.13
CA ASP B 125 -2.93 8.56 -31.50
C ASP B 125 -4.12 9.42 -31.98
N GLY B 126 -4.31 10.54 -31.29
CA GLY B 126 -5.38 11.47 -31.63
C GLY B 126 -6.79 11.02 -31.29
N ALA B 127 -6.98 9.84 -30.72
CA ALA B 127 -8.32 9.37 -30.38
C ALA B 127 -8.82 9.89 -29.04
N CYS B 128 -7.94 10.11 -28.08
CA CYS B 128 -8.35 10.58 -26.77
C CYS B 128 -7.53 11.80 -26.40
N SER B 129 -8.20 12.82 -25.89
CA SER B 129 -7.49 14.01 -25.46
C SER B 129 -7.28 13.91 -23.95
N GLY B 130 -6.40 14.78 -23.44
CA GLY B 130 -6.14 14.79 -22.00
C GLY B 130 -7.35 15.19 -21.18
N ASP B 131 -8.14 16.18 -21.65
CA ASP B 131 -9.32 16.60 -20.89
C ASP B 131 -10.34 15.47 -20.77
N GLU B 132 -10.44 14.63 -21.79
CA GLU B 132 -11.38 13.52 -21.73
C GLU B 132 -10.92 12.47 -20.73
N ILE B 133 -9.63 12.21 -20.71
CA ILE B 133 -9.11 11.26 -19.73
C ILE B 133 -9.34 11.79 -18.32
N LEU B 134 -9.11 13.10 -18.12
CA LEU B 134 -9.36 13.66 -16.81
C LEU B 134 -10.83 13.48 -16.44
N THR B 135 -11.74 13.69 -17.39
CA THR B 135 -13.17 13.52 -17.14
C THR B 135 -13.52 12.07 -16.81
N MET B 136 -13.02 11.14 -17.62
CA MET B 136 -13.28 9.72 -17.43
C MET B 136 -12.69 9.19 -16.13
N GLU B 137 -11.47 9.62 -15.75
CA GLU B 137 -10.90 9.07 -14.51
C GLU B 137 -11.83 9.34 -13.34
N LEU B 138 -12.42 10.54 -13.29
CA LEU B 138 -13.33 10.88 -12.19
C LEU B 138 -14.58 10.04 -12.28
N MET B 139 -15.08 9.81 -13.49
CA MET B 139 -16.26 8.98 -13.64
C MET B 139 -16.03 7.57 -13.11
N ILE B 140 -14.91 6.96 -13.51
CA ILE B 140 -14.58 5.62 -13.05
C ILE B 140 -14.42 5.59 -11.53
N MET B 141 -13.61 6.51 -10.98
CA MET B 141 -13.36 6.47 -9.55
C MET B 141 -14.64 6.66 -8.74
N LYS B 142 -15.52 7.59 -9.15
CA LYS B 142 -16.76 7.77 -8.38
C LYS B 142 -17.67 6.53 -8.52
N ALA B 143 -17.74 5.96 -9.71
CA ALA B 143 -18.59 4.79 -9.88
C ALA B 143 -18.06 3.61 -9.10
N LEU B 144 -16.75 3.54 -8.91
CA LEU B 144 -16.20 2.47 -8.09
C LEU B 144 -16.23 2.82 -6.62
N LYS B 145 -16.87 3.95 -6.27
CA LYS B 145 -16.95 4.40 -4.89
C LYS B 145 -15.57 4.56 -4.26
N TRP B 146 -14.58 4.91 -5.09
CA TRP B 146 -13.18 5.09 -4.68
C TRP B 146 -12.57 3.81 -4.08
N ARG B 147 -13.07 2.62 -4.43
CA ARG B 147 -12.50 1.38 -3.89
C ARG B 147 -11.55 0.94 -4.99
N LEU B 148 -10.29 1.36 -4.85
CA LEU B 148 -9.28 1.11 -5.86
C LEU B 148 -8.14 0.24 -5.38
N SER B 149 -8.33 -0.54 -4.31
CA SER B 149 -7.29 -1.39 -3.73
C SER B 149 -7.63 -2.88 -3.71
N PRO B 150 -7.90 -3.46 -4.85
CA PRO B 150 -8.20 -4.89 -4.86
C PRO B 150 -6.89 -5.67 -4.83
N LEU B 151 -7.02 -6.99 -4.67
CA LEU B 151 -5.90 -7.93 -4.74
C LEU B 151 -6.05 -8.47 -6.15
N THR B 152 -5.21 -7.98 -7.05
CA THR B 152 -5.30 -8.39 -8.44
C THR B 152 -4.86 -9.83 -8.63
N ILE B 153 -5.11 -10.31 -9.83
CA ILE B 153 -4.70 -11.66 -10.21
C ILE B 153 -3.19 -11.80 -10.02
N VAL B 154 -2.43 -10.83 -10.52
CA VAL B 154 -0.97 -10.91 -10.45
C VAL B 154 -0.45 -10.68 -9.03
N SER B 155 -1.15 -9.88 -8.21
CA SER B 155 -0.69 -9.73 -6.85
C SER B 155 -0.81 -11.05 -6.13
N TRP B 156 -1.84 -11.86 -6.47
CA TRP B 156 -1.98 -13.18 -5.84
C TRP B 156 -0.81 -14.06 -6.22
N LEU B 157 -0.33 -13.93 -7.45
CA LEU B 157 0.85 -14.73 -7.88
C LEU B 157 2.06 -14.38 -7.00
N ASN B 158 2.23 -13.10 -6.71
CA ASN B 158 3.37 -12.67 -5.86
C ASN B 158 3.22 -13.24 -4.46
N VAL B 159 2.01 -13.24 -3.91
CA VAL B 159 1.78 -13.87 -2.58
C VAL B 159 2.23 -15.33 -2.64
N TYR B 160 1.75 -16.08 -3.63
CA TYR B 160 2.04 -17.53 -3.75
C TYR B 160 3.54 -17.80 -3.93
N MET B 161 4.16 -17.04 -4.82
CA MET B 161 5.60 -17.25 -5.11
C MET B 161 6.43 -16.80 -3.91
N GLN B 162 5.93 -15.85 -3.13
CA GLN B 162 6.67 -15.39 -1.93
C GLN B 162 6.58 -16.46 -0.84
N VAL B 163 5.45 -17.16 -0.73
CA VAL B 163 5.30 -18.28 0.24
C VAL B 163 6.27 -19.41 -0.14
N ALA B 164 6.42 -19.67 -1.43
CA ALA B 164 7.37 -20.69 -1.91
C ALA B 164 8.81 -20.30 -1.58
N TYR B 165 9.19 -19.06 -1.87
CA TYR B 165 10.58 -18.59 -1.67
C TYR B 165 10.94 -18.59 -0.18
N LEU B 166 9.98 -18.24 0.66
CA LEU B 166 10.22 -18.14 2.13
C LEU B 166 10.08 -19.52 2.78
N ASN B 167 10.00 -20.59 1.99
CA ASN B 167 9.93 -21.97 2.54
C ASN B 167 11.16 -22.77 2.09
N TYR B 177 15.18 -20.84 -11.20
CA TYR B 177 15.09 -19.36 -11.06
C TYR B 177 13.65 -18.90 -10.81
N PRO B 178 13.30 -18.45 -9.59
CA PRO B 178 11.92 -18.09 -9.27
C PRO B 178 11.37 -16.97 -10.19
N GLN B 179 12.22 -16.04 -10.63
CA GLN B 179 11.80 -14.92 -11.50
C GLN B 179 11.28 -15.43 -12.84
N GLN B 180 11.98 -16.40 -13.44
CA GLN B 180 11.58 -16.91 -14.77
C GLN B 180 10.29 -17.70 -14.64
N ILE B 181 10.15 -18.47 -13.57
CA ILE B 181 8.88 -19.21 -13.36
C ILE B 181 7.73 -18.19 -13.23
N PHE B 182 7.97 -17.10 -12.51
CA PHE B 182 6.93 -16.07 -12.28
C PHE B 182 6.43 -15.52 -13.62
N ILE B 183 7.35 -15.09 -14.47
CA ILE B 183 6.96 -14.47 -15.76
C ILE B 183 6.32 -15.53 -16.68
N GLN B 184 6.66 -16.80 -16.48
CA GLN B 184 6.02 -17.82 -17.31
C GLN B 184 4.60 -18.04 -16.83
N ILE B 185 4.39 -18.10 -15.53
CA ILE B 185 3.02 -18.23 -15.06
C ILE B 185 2.26 -16.95 -15.38
N ALA B 186 2.92 -15.81 -15.20
CA ALA B 186 2.25 -14.54 -15.52
C ALA B 186 1.78 -14.51 -16.98
N GLU B 187 2.60 -15.05 -17.89
CA GLU B 187 2.25 -15.08 -19.30
C GLU B 187 0.98 -15.87 -19.54
N LEU B 188 0.79 -16.96 -18.78
CA LEU B 188 -0.42 -17.73 -18.94
C LEU B 188 -1.61 -16.95 -18.42
N LEU B 189 -1.46 -16.30 -17.26
CA LEU B 189 -2.54 -15.49 -16.72
C LEU B 189 -2.88 -14.34 -17.66
N ASP B 190 -1.84 -13.74 -18.27
CA ASP B 190 -2.05 -12.67 -19.25
C ASP B 190 -2.94 -13.14 -20.39
N LEU B 191 -2.79 -14.40 -20.79
CA LEU B 191 -3.62 -14.92 -21.87
C LEU B 191 -5.04 -15.15 -21.39
N CYS B 192 -5.19 -15.80 -20.23
CA CYS B 192 -6.51 -16.10 -19.69
C CYS B 192 -7.37 -14.87 -19.43
N VAL B 193 -6.74 -13.80 -18.94
CA VAL B 193 -7.49 -12.60 -18.57
C VAL B 193 -8.16 -11.94 -19.77
N LEU B 194 -7.70 -12.27 -20.98
CA LEU B 194 -8.29 -11.68 -22.20
C LEU B 194 -9.69 -12.25 -22.44
N ASP B 195 -10.00 -13.40 -21.87
CA ASP B 195 -11.30 -14.04 -22.03
C ASP B 195 -12.17 -13.63 -20.84
N VAL B 196 -13.30 -12.97 -21.13
CA VAL B 196 -14.15 -12.52 -20.03
C VAL B 196 -14.65 -13.67 -19.18
N ASP B 197 -14.67 -14.89 -19.72
CA ASP B 197 -15.12 -16.01 -18.88
C ASP B 197 -14.18 -16.28 -17.73
N CYS B 198 -12.99 -15.69 -17.71
CA CYS B 198 -12.15 -15.98 -16.57
C CYS B 198 -12.74 -15.40 -15.29
N LEU B 199 -13.59 -14.37 -15.43
CA LEU B 199 -14.19 -13.74 -14.26
C LEU B 199 -15.15 -14.64 -13.52
N GLU B 200 -15.37 -15.86 -13.99
CA GLU B 200 -16.23 -16.77 -13.25
C GLU B 200 -15.56 -17.19 -11.95
N PHE B 201 -14.23 -17.19 -11.93
CA PHE B 201 -13.29 -17.60 -10.92
C PHE B 201 -12.68 -16.44 -10.15
N PRO B 202 -12.58 -16.64 -8.84
CA PRO B 202 -11.96 -15.62 -7.99
C PRO B 202 -10.55 -15.41 -8.45
N TYR B 203 -10.07 -14.16 -8.37
CA TYR B 203 -8.72 -13.88 -8.82
C TYR B 203 -7.72 -14.83 -8.19
N GLY B 204 -7.91 -15.17 -6.92
CA GLY B 204 -7.00 -16.06 -6.23
C GLY B 204 -7.01 -17.45 -6.83
N ILE B 205 -8.17 -17.91 -7.31
CA ILE B 205 -8.28 -19.23 -7.92
C ILE B 205 -7.59 -19.22 -9.27
N LEU B 206 -7.78 -18.17 -10.06
CA LEU B 206 -7.10 -18.07 -11.34
C LEU B 206 -5.60 -18.17 -11.16
N ALA B 207 -5.06 -17.40 -10.22
CA ALA B 207 -3.62 -17.44 -10.01
C ALA B 207 -3.17 -18.82 -9.57
N ALA B 208 -3.92 -19.46 -8.67
CA ALA B 208 -3.50 -20.79 -8.21
C ALA B 208 -3.57 -21.81 -9.34
N SER B 209 -4.56 -21.70 -10.24
CA SER B 209 -4.68 -22.66 -11.33
C SER B 209 -3.57 -22.49 -12.35
N ALA B 210 -3.17 -21.24 -12.64
CA ALA B 210 -2.07 -21.04 -13.56
C ALA B 210 -0.78 -21.60 -12.98
N LEU B 211 -0.56 -21.37 -11.68
CA LEU B 211 0.62 -21.90 -11.02
C LEU B 211 0.59 -23.43 -11.03
N TYR B 212 -0.59 -24.03 -10.85
CA TYR B 212 -0.70 -25.48 -10.90
C TYR B 212 -0.25 -26.02 -12.24
N HIS B 213 -0.62 -25.33 -13.33
CA HIS B 213 -0.23 -25.80 -14.66
C HIS B 213 1.27 -25.76 -14.88
N PHE B 214 2.01 -25.01 -14.06
CA PHE B 214 3.48 -24.98 -14.21
C PHE B 214 4.13 -25.72 -13.04
N SER B 215 3.34 -26.42 -12.26
CA SER B 215 3.88 -27.08 -11.05
C SER B 215 3.13 -28.36 -10.72
N SER B 216 2.56 -28.42 -9.52
CA SER B 216 1.85 -29.62 -9.03
C SER B 216 0.72 -29.22 -8.10
N SER B 217 -0.19 -30.14 -7.84
CA SER B 217 -1.28 -29.89 -6.87
C SER B 217 -0.63 -29.66 -5.51
N GLU B 218 0.46 -30.40 -5.25
CA GLU B 218 1.05 -30.26 -3.92
C GLU B 218 1.60 -28.87 -3.70
N LEU B 219 2.36 -28.35 -4.67
CA LEU B 219 2.91 -26.99 -4.49
C LEU B 219 1.78 -25.97 -4.47
N MET B 220 0.78 -26.14 -5.33
CA MET B 220 -0.36 -25.23 -5.39
C MET B 220 -1.01 -25.10 -4.02
N GLN B 221 -1.33 -26.25 -3.40
CA GLN B 221 -1.99 -26.24 -2.10
C GLN B 221 -1.07 -25.66 -1.03
N LYS B 222 0.21 -25.95 -1.11
CA LYS B 222 1.14 -25.42 -0.11
C LYS B 222 1.23 -23.90 -0.18
N VAL B 223 1.33 -23.33 -1.38
CA VAL B 223 1.48 -21.87 -1.49
C VAL B 223 0.17 -21.10 -1.50
N SER B 224 -0.95 -21.72 -1.88
CA SER B 224 -2.22 -21.00 -1.93
C SER B 224 -3.21 -21.38 -0.87
N GLY B 225 -3.09 -22.56 -0.27
CA GLY B 225 -4.05 -23.02 0.71
C GLY B 225 -5.27 -23.67 0.10
N TYR B 226 -5.48 -23.56 -1.21
CA TYR B 226 -6.66 -24.18 -1.78
C TYR B 226 -6.47 -25.67 -1.92
N GLN B 227 -7.54 -26.41 -1.74
CA GLN B 227 -7.50 -27.87 -2.00
C GLN B 227 -7.76 -28.06 -3.50
N TRP B 228 -7.44 -29.23 -4.03
CA TRP B 228 -7.66 -29.51 -5.47
C TRP B 228 -9.12 -29.24 -5.84
N CYS B 229 -10.05 -29.65 -4.99
CA CYS B 229 -11.50 -29.52 -5.33
C CYS B 229 -11.91 -28.07 -5.62
N ASP B 230 -11.24 -27.11 -4.99
CA ASP B 230 -11.60 -25.68 -5.16
C ASP B 230 -11.10 -25.15 -6.51
N ILE B 231 -10.06 -25.73 -7.10
CA ILE B 231 -9.44 -25.20 -8.35
C ILE B 231 -9.77 -26.07 -9.58
N GLU B 232 -10.26 -27.29 -9.38
CA GLU B 232 -10.48 -28.25 -10.49
C GLU B 232 -11.25 -27.61 -11.66
N ASN B 233 -12.34 -26.93 -11.36
CA ASN B 233 -13.17 -26.32 -12.42
C ASN B 233 -12.38 -25.23 -13.14
N CYS B 234 -11.68 -24.38 -12.38
CA CYS B 234 -10.89 -23.39 -13.07
C CYS B 234 -9.82 -24.07 -13.92
N VAL B 235 -9.14 -25.06 -13.32
CA VAL B 235 -8.08 -25.83 -13.99
C VAL B 235 -8.57 -26.40 -15.31
N LYS B 236 -9.80 -26.95 -15.33
CA LYS B 236 -10.40 -27.51 -16.54
C LYS B 236 -10.63 -26.45 -17.58
N TRP B 237 -11.13 -25.28 -17.15
CA TRP B 237 -11.38 -24.16 -18.05
C TRP B 237 -10.08 -23.65 -18.64
N MET B 238 -9.04 -23.57 -17.81
CA MET B 238 -7.75 -23.04 -18.22
C MET B 238 -6.97 -23.97 -19.13
N VAL B 239 -7.35 -25.24 -19.14
CA VAL B 239 -6.67 -26.25 -19.95
C VAL B 239 -6.30 -25.79 -21.36
N PRO B 240 -7.24 -25.37 -22.22
CA PRO B 240 -6.84 -24.93 -23.57
C PRO B 240 -5.76 -23.86 -23.58
N PHE B 241 -5.85 -22.91 -22.64
CA PHE B 241 -4.88 -21.82 -22.57
C PHE B 241 -3.52 -22.30 -22.14
N ALA B 242 -3.46 -23.14 -21.10
CA ALA B 242 -2.17 -23.66 -20.69
C ALA B 242 -1.57 -24.43 -21.85
N MET B 243 -2.40 -25.13 -22.60
CA MET B 243 -1.83 -25.91 -23.67
C MET B 243 -1.25 -25.08 -24.80
N VAL B 244 -1.96 -24.01 -25.24
CA VAL B 244 -1.35 -23.24 -26.34
C VAL B 244 -0.02 -22.60 -25.88
N ILE B 245 0.09 -22.25 -24.59
CA ILE B 245 1.34 -21.68 -24.05
C ILE B 245 2.45 -22.72 -24.04
N ARG B 246 2.17 -23.88 -23.42
CA ARG B 246 3.15 -24.97 -23.37
C ARG B 246 3.61 -25.33 -24.77
N GLU B 247 2.69 -25.38 -25.74
CA GLU B 247 3.07 -25.77 -27.13
C GLU B 247 4.10 -24.82 -27.76
N THR B 248 4.05 -23.53 -27.43
CA THR B 248 5.00 -22.60 -28.06
C THR B 248 6.30 -22.38 -27.28
N GLY B 249 6.43 -22.92 -26.06
CA GLY B 249 7.58 -22.70 -25.20
C GLY B 249 7.20 -21.45 -24.43
N SER B 250 7.66 -21.29 -23.20
CA SER B 250 7.31 -20.08 -22.49
C SER B 250 8.35 -19.00 -22.78
N SER B 251 7.98 -17.75 -22.57
CA SER B 251 8.91 -16.66 -22.79
C SER B 251 10.03 -16.70 -21.76
N LYS B 252 11.05 -15.87 -21.98
CA LYS B 252 12.20 -15.77 -21.11
C LYS B 252 12.21 -14.42 -20.39
N LEU B 253 12.69 -14.42 -19.15
CA LEU B 253 12.79 -13.19 -18.36
C LEU B 253 13.63 -12.17 -19.11
N LYS B 254 13.08 -10.98 -19.33
CA LYS B 254 13.80 -9.97 -20.07
C LYS B 254 14.40 -8.89 -19.15
N HIS B 255 15.34 -8.13 -19.71
CA HIS B 255 15.99 -7.04 -19.01
C HIS B 255 15.39 -5.72 -19.46
N PHE B 256 15.33 -4.77 -18.55
CA PHE B 256 14.77 -3.48 -18.88
C PHE B 256 15.69 -2.38 -18.41
N ARG B 257 16.06 -1.48 -19.34
CA ARG B 257 16.92 -0.36 -18.96
C ARG B 257 16.19 0.47 -17.92
N GLY B 258 16.93 0.86 -16.88
CA GLY B 258 16.37 1.65 -15.82
C GLY B 258 15.60 0.85 -14.78
N VAL B 259 15.51 -0.47 -14.94
CA VAL B 259 14.80 -1.32 -14.01
C VAL B 259 15.79 -2.29 -13.40
N ALA B 260 15.85 -2.32 -12.07
CA ALA B 260 16.77 -3.21 -11.39
C ALA B 260 16.46 -4.65 -11.72
N ASP B 261 17.50 -5.46 -11.86
CA ASP B 261 17.33 -6.90 -12.19
C ASP B 261 16.42 -7.58 -11.17
N GLU B 262 16.46 -7.17 -9.91
CA GLU B 262 15.66 -7.82 -8.85
C GLU B 262 14.16 -7.60 -9.06
N ASP B 263 13.78 -6.59 -9.82
CA ASP B 263 12.33 -6.24 -10.00
C ASP B 263 11.88 -6.52 -11.44
N ALA B 264 12.77 -7.06 -12.28
CA ALA B 264 12.44 -7.22 -13.71
C ALA B 264 11.21 -8.11 -13.91
N HIS B 265 11.00 -9.08 -13.05
CA HIS B 265 9.86 -10.02 -13.20
C HIS B 265 8.53 -9.28 -13.05
N ASN B 266 8.54 -8.13 -12.39
CA ASN B 266 7.29 -7.38 -12.12
C ASN B 266 6.97 -6.39 -13.26
N ILE B 267 7.76 -6.38 -14.34
CA ILE B 267 7.50 -5.43 -15.43
C ILE B 267 6.62 -6.11 -16.46
N GLN B 268 5.55 -5.41 -16.88
CA GLN B 268 4.61 -6.00 -17.82
C GLN B 268 5.24 -6.12 -19.20
N THR B 269 5.03 -7.26 -19.83
CA THR B 269 5.54 -7.54 -21.17
C THR B 269 4.36 -7.79 -22.09
N HIS B 270 4.63 -7.94 -23.38
CA HIS B 270 3.56 -8.15 -24.34
C HIS B 270 4.02 -8.99 -25.52
N ARG B 271 3.18 -9.95 -25.90
CA ARG B 271 3.39 -10.85 -27.03
C ARG B 271 2.07 -10.88 -27.81
N ASP B 272 2.08 -11.50 -29.00
CA ASP B 272 0.85 -11.55 -29.81
C ASP B 272 -0.03 -12.67 -29.28
N SER B 273 -0.73 -12.36 -28.19
CA SER B 273 -1.59 -13.33 -27.54
C SER B 273 -2.98 -13.44 -28.15
N LEU B 274 -3.37 -12.54 -29.06
CA LEU B 274 -4.72 -12.66 -29.62
C LEU B 274 -4.84 -13.87 -30.52
N ASP B 275 -3.76 -14.24 -31.22
CA ASP B 275 -3.79 -15.45 -32.02
C ASP B 275 -3.78 -16.67 -31.12
N LEU B 276 -3.08 -16.59 -29.99
CA LEU B 276 -3.11 -17.73 -29.04
C LEU B 276 -4.52 -17.91 -28.47
N LEU B 277 -5.21 -16.80 -28.21
CA LEU B 277 -6.56 -16.86 -27.61
C LEU B 277 -7.50 -17.60 -28.54
N ASP B 278 -7.37 -17.34 -29.84
CA ASP B 278 -8.23 -17.98 -30.85
C ASP B 278 -7.99 -19.48 -30.84
N LYS B 279 -6.73 -19.89 -30.89
CA LYS B 279 -6.39 -21.33 -30.88
C LYS B 279 -6.96 -21.96 -29.62
N ALA B 280 -6.81 -21.30 -28.48
CA ALA B 280 -7.29 -21.91 -27.23
C ALA B 280 -8.80 -22.11 -27.31
N ARG B 281 -9.53 -21.07 -27.73
CA ARG B 281 -11.01 -21.16 -27.73
C ARG B 281 -11.47 -22.20 -28.76
N ALA B 282 -10.76 -22.29 -29.88
CA ALA B 282 -11.10 -23.30 -30.91
C ALA B 282 -11.41 -24.63 -30.25
C10 A1AC4 C . 14.27 -9.82 -3.81
N12 A1AC4 C . 9.30 -9.90 -1.04
C13 A1AC4 C . 9.02 -9.63 0.28
C15 A1AC4 C . 7.68 -8.99 0.45
C20 A1AC4 C . 5.29 -9.08 1.58
C22 A1AC4 C . 6.53 -10.80 2.11
C26 A1AC4 C . 3.35 -13.36 3.72
C28 A1AC4 C . 4.82 -14.89 2.32
C01 A1AC4 C . 9.97 -12.68 -0.57
C02 A1AC4 C . 10.52 -12.00 -1.80
C03 A1AC4 C . 10.49 -10.46 -1.70
C04 A1AC4 C . 10.54 -9.88 -3.09
C07 A1AC4 C . 11.92 -9.18 -5.08
C08 A1AC4 C . 13.05 -8.15 -5.13
C11 A1AC4 C . 13.00 -10.15 -3.04
C16 A1AC4 C . 7.94 -7.52 0.68
C18 A1AC4 C . 7.42 -8.50 2.81
C19 A1AC4 C . 6.82 -9.32 1.68
C23 A1AC4 C . 4.07 -11.08 2.65
C25 A1AC4 C . 4.38 -12.43 3.16
C27 A1AC4 C . 3.97 -13.67 2.39
C29 A1AC4 C . 3.15 -13.45 1.17
C30 A1AC4 C . 8.38 -6.15 2.67
C32 A1AC4 C . 8.36 -5.91 4.08
C33 A1AC4 C . 8.39 -4.66 4.68
C35 A1AC4 C . 8.32 -5.83 6.52
C38 A1AC4 C . 10.47 -13.40 -3.62
C39 A1AC4 C . 10.22 -13.23 -5.09
C40 A1AC4 C . 8.71 -13.19 -5.40
C41 A1AC4 C . 8.38 -13.18 -6.90
C42 A1AC4 C . 9.19 -14.12 -7.81
C43 A1AC4 C . 10.66 -14.27 -7.43
C44 A1AC4 C . 10.95 -14.28 -5.92
N06 A1AC4 C . 11.76 -9.74 -3.72
N17 A1AC4 C . 7.93 -7.33 2.12
N21 A1AC4 C . 5.16 -10.39 2.18
N34 A1AC4 C . 8.37 -4.61 6.05
O05 A1AC4 C . 9.51 -9.54 -3.65
O09 A1AC4 C . 14.22 -8.50 -4.36
O14 A1AC4 C . 9.75 -9.88 1.21
O24 A1AC4 C . 2.96 -10.62 2.64
O31 A1AC4 C . 8.76 -5.26 1.93
O37 A1AC4 C . 9.74 -12.41 -2.92
S36 A1AC4 C . 8.29 -7.07 5.35
#